data_1DOA
#
_entry.id   1DOA
#
_cell.length_a   83.940
_cell.length_b   83.940
_cell.length_c   191.160
_cell.angle_alpha   90.00
_cell.angle_beta   90.00
_cell.angle_gamma   120.00
#
_symmetry.space_group_name_H-M   'H 3'
#
loop_
_entity.id
_entity.type
_entity.pdbx_description
1 polymer 'PROTEIN (GTP-BINDING PROTEIN)'
2 polymer 'PROTEIN (GDP-DISSOCIATION INHIBITOR 1)'
3 non-polymer 'MAGNESIUM ION'
4 non-polymer "GUANOSINE-5'-DIPHOSPHATE"
5 non-polymer 'GERAN-8-YL GERAN'
6 water water
#
loop_
_entity_poly.entity_id
_entity_poly.type
_entity_poly.pdbx_seq_one_letter_code
_entity_poly.pdbx_strand_id
1 'polypeptide(L)'
;GSHMQTIKCVVVGDGAVGKTCLLISYTTNKFPSEYVPTVFDNYAVTVMIGGEPYTLGLFDTAGQEDYDRLRPLSYPQTDV
FLVCFSVVSPSSFENVKEKWVPEITHHCPKTPFLLVGTQIDLRDDPSTIEKLAKNKQKPITPETAEKLARDLKAVKYVEC
SALTQKGLKNVFDEAILAALEPPEPKKSRR(CMT)
;
A
2 'polypeptide(L)'
;GSPGISGGGGGILGLMAEQEPTAEQLAQIAAENEEDEHSVNYKPPAQKSIQEIQELDKDDESLRKYKEALLGRVAVSADP
NVPNVVVTRLTLVCSTAPGPLELDLTGDLESFKKQSFVLKEGVEYRIKISFRVNREIVSGMKYIQHTYRKGVKIDKTDYM
VGSYGPRAEEYEFLTPMEEAPKGMLARGSYNIKSRFTDDDRTDHLSWEWNLTIKKEWKD
;
B
#
loop_
_chem_comp.id
_chem_comp.type
_chem_comp.name
_chem_comp.formula
GDP RNA linking GUANOSINE-5'-DIPHOSPHATE 'C10 H15 N5 O11 P2'
GER non-polymer 'GERAN-8-YL GERAN' 'C20 H34'
MG non-polymer 'MAGNESIUM ION' 'Mg 2'
#
# COMPACT_ATOMS: atom_id res chain seq x y z
N GLY A 1 -17.27 5.33 26.25
CA GLY A 1 -16.92 4.01 25.63
C GLY A 1 -15.65 4.10 24.80
N SER A 2 -15.48 3.20 23.84
CA SER A 2 -14.29 3.21 23.00
C SER A 2 -14.31 4.26 21.89
N HIS A 3 -13.13 4.66 21.46
CA HIS A 3 -13.00 5.64 20.40
C HIS A 3 -13.54 5.14 19.08
N MET A 4 -14.00 6.07 18.25
CA MET A 4 -14.49 5.72 16.94
C MET A 4 -13.30 5.50 16.03
N GLN A 5 -13.32 4.33 15.40
CA GLN A 5 -12.30 3.88 14.50
C GLN A 5 -12.61 4.34 13.07
N THR A 6 -11.59 4.65 12.28
CA THR A 6 -11.81 5.06 10.90
C THR A 6 -11.33 3.96 9.95
N ILE A 7 -12.07 3.76 8.88
CA ILE A 7 -11.73 2.77 7.92
C ILE A 7 -11.48 3.52 6.64
N LYS A 8 -10.26 3.43 6.11
CA LYS A 8 -9.94 4.06 4.86
C LYS A 8 -10.12 3.06 3.70
N CYS A 9 -11.16 3.28 2.90
CA CYS A 9 -11.52 2.44 1.76
C CYS A 9 -11.15 3.10 0.43
N VAL A 10 -10.29 2.44 -0.35
CA VAL A 10 -9.83 2.95 -1.66
C VAL A 10 -10.37 2.09 -2.81
N VAL A 11 -11.05 2.73 -3.75
CA VAL A 11 -11.66 2.04 -4.88
C VAL A 11 -10.80 2.13 -6.14
N VAL A 12 -10.42 0.99 -6.70
CA VAL A 12 -9.62 1.01 -7.92
C VAL A 12 -10.31 0.31 -9.07
N GLY A 13 -9.80 0.54 -10.28
CA GLY A 13 -10.36 -0.06 -11.47
C GLY A 13 -10.16 0.84 -12.69
N ASP A 14 -10.30 0.27 -13.88
CA ASP A 14 -10.10 1.03 -15.12
C ASP A 14 -11.18 2.09 -15.32
N GLY A 15 -10.97 2.92 -16.33
CA GLY A 15 -11.93 3.98 -16.63
C GLY A 15 -13.31 3.50 -17.03
N ALA A 16 -14.29 4.34 -16.73
CA ALA A 16 -15.70 4.11 -17.03
C ALA A 16 -16.29 2.83 -16.45
N VAL A 17 -15.54 2.10 -15.62
CA VAL A 17 -16.03 0.88 -15.02
C VAL A 17 -17.08 1.10 -13.93
N GLY A 18 -17.25 2.35 -13.50
CA GLY A 18 -18.27 2.64 -12.49
C GLY A 18 -17.87 2.91 -11.04
N LYS A 19 -16.59 3.21 -10.82
CA LYS A 19 -16.10 3.52 -9.48
C LYS A 19 -16.80 4.76 -8.91
N THR A 20 -16.89 5.81 -9.73
CA THR A 20 -17.51 7.04 -9.27
C THR A 20 -19.00 6.92 -8.98
N CYS A 21 -19.77 6.41 -9.94
CA CYS A 21 -21.22 6.26 -9.76
C CYS A 21 -21.58 5.37 -8.56
N LEU A 22 -20.77 4.36 -8.33
CA LEU A 22 -21.02 3.47 -7.21
C LEU A 22 -20.91 4.22 -5.88
N LEU A 23 -20.03 5.22 -5.82
CA LEU A 23 -19.81 6.01 -4.62
C LEU A 23 -20.89 7.08 -4.35
N ILE A 24 -21.37 7.75 -5.39
CA ILE A 24 -22.41 8.75 -5.23
C ILE A 24 -23.70 8.04 -4.93
N SER A 25 -23.87 6.89 -5.57
CA SER A 25 -25.05 6.07 -5.38
C SER A 25 -25.14 5.69 -3.90
N TYR A 26 -24.01 5.26 -3.35
CA TYR A 26 -23.94 4.85 -1.97
C TYR A 26 -24.08 5.97 -0.94
N THR A 27 -23.56 7.16 -1.24
CA THR A 27 -23.63 8.23 -0.26
C THR A 27 -24.83 9.18 -0.33
N THR A 28 -25.60 9.10 -1.42
CA THR A 28 -26.77 9.96 -1.62
C THR A 28 -28.00 9.10 -1.86
N ASN A 29 -27.75 7.85 -2.25
CA ASN A 29 -28.78 6.86 -2.57
C ASN A 29 -29.34 7.06 -3.96
N LYS A 30 -29.11 8.24 -4.55
CA LYS A 30 -29.64 8.51 -5.88
C LYS A 30 -28.56 8.39 -6.94
N PHE A 31 -28.77 7.46 -7.88
CA PHE A 31 -27.84 7.24 -9.00
C PHE A 31 -27.71 8.55 -9.78
N PRO A 32 -26.50 8.86 -10.28
CA PRO A 32 -26.27 10.09 -11.05
C PRO A 32 -26.92 10.06 -12.44
N SER A 33 -28.05 10.75 -12.56
CA SER A 33 -28.80 10.82 -13.84
C SER A 33 -28.05 11.59 -14.91
N GLU A 34 -27.96 12.90 -14.73
CA GLU A 34 -27.28 13.76 -15.69
C GLU A 34 -25.77 13.78 -15.50
N TYR A 35 -25.32 14.53 -14.50
CA TYR A 35 -23.89 14.70 -14.22
C TYR A 35 -23.17 13.58 -13.46
N VAL A 36 -21.96 13.30 -13.91
CA VAL A 36 -21.09 12.28 -13.31
C VAL A 36 -19.65 12.78 -13.45
N PRO A 37 -19.04 13.17 -12.32
CA PRO A 37 -17.65 13.67 -12.28
C PRO A 37 -16.62 12.61 -12.59
N THR A 38 -15.43 13.06 -12.94
CA THR A 38 -14.34 12.14 -13.24
C THR A 38 -14.02 11.42 -11.92
N VAL A 39 -13.88 12.23 -10.89
CA VAL A 39 -13.55 11.76 -9.57
C VAL A 39 -14.45 12.29 -8.44
N PHE A 40 -14.94 11.37 -7.62
CA PHE A 40 -15.79 11.72 -6.48
C PHE A 40 -14.85 12.23 -5.37
N ASP A 41 -15.21 13.33 -4.72
CA ASP A 41 -14.40 13.92 -3.65
C ASP A 41 -14.22 12.94 -2.50
N ASN A 42 -13.16 13.15 -1.70
CA ASN A 42 -12.88 12.34 -0.51
C ASN A 42 -14.04 12.59 0.40
N TYR A 43 -14.64 11.52 0.92
CA TYR A 43 -15.81 11.68 1.75
C TYR A 43 -15.85 10.73 2.95
N ALA A 44 -16.44 11.17 4.06
CA ALA A 44 -16.56 10.32 5.23
C ALA A 44 -18.02 10.13 5.68
N VAL A 45 -18.35 8.91 6.11
CA VAL A 45 -19.68 8.58 6.58
C VAL A 45 -19.65 7.61 7.77
N THR A 46 -20.44 7.89 8.78
CA THR A 46 -20.54 6.96 9.90
C THR A 46 -21.35 5.75 9.44
N VAL A 47 -20.84 4.56 9.68
CA VAL A 47 -21.54 3.34 9.32
C VAL A 47 -21.61 2.40 10.49
N MET A 48 -22.82 1.91 10.74
CA MET A 48 -23.07 0.99 11.84
C MET A 48 -22.87 -0.45 11.41
N ILE A 49 -21.99 -1.17 12.09
CA ILE A 49 -21.73 -2.58 11.77
C ILE A 49 -21.56 -3.33 13.07
N GLY A 50 -22.27 -4.44 13.21
CA GLY A 50 -22.17 -5.25 14.42
C GLY A 50 -22.33 -4.44 15.69
N GLY A 51 -23.15 -3.39 15.66
CA GLY A 51 -23.38 -2.57 16.83
C GLY A 51 -22.33 -1.52 17.16
N GLU A 52 -21.45 -1.22 16.22
CA GLU A 52 -20.40 -0.25 16.47
C GLU A 52 -20.25 0.78 15.35
N PRO A 53 -20.06 2.06 15.73
CA PRO A 53 -19.88 3.19 14.83
C PRO A 53 -18.51 3.10 14.15
N TYR A 54 -18.44 3.41 12.86
CA TYR A 54 -17.18 3.41 12.11
C TYR A 54 -17.26 4.54 11.11
N THR A 55 -16.18 5.29 11.01
CA THR A 55 -16.11 6.39 10.06
C THR A 55 -15.53 5.80 8.81
N LEU A 56 -16.36 5.61 7.79
CA LEU A 56 -15.89 5.07 6.53
C LEU A 56 -15.45 6.19 5.57
N GLY A 57 -14.16 6.26 5.29
CA GLY A 57 -13.64 7.27 4.38
C GLY A 57 -13.57 6.69 2.99
N LEU A 58 -14.20 7.35 2.02
CA LEU A 58 -14.25 6.85 0.65
C LEU A 58 -13.31 7.56 -0.33
N PHE A 59 -12.56 6.77 -1.11
CA PHE A 59 -11.57 7.31 -2.05
C PHE A 59 -11.64 6.80 -3.48
N ASP A 60 -12.19 7.64 -4.36
CA ASP A 60 -12.33 7.38 -5.79
C ASP A 60 -10.96 7.62 -6.44
N THR A 61 -10.70 6.93 -7.55
CA THR A 61 -9.42 7.08 -8.24
C THR A 61 -9.48 7.41 -9.73
N ALA A 62 -8.37 7.97 -10.23
CA ALA A 62 -8.23 8.31 -11.65
C ALA A 62 -7.44 7.17 -12.26
N GLY A 63 -8.14 6.15 -12.72
CA GLY A 63 -7.49 4.97 -13.27
C GLY A 63 -6.72 5.03 -14.58
N GLN A 64 -6.61 6.19 -15.20
CA GLN A 64 -5.91 6.29 -16.49
C GLN A 64 -4.42 6.06 -16.35
N GLU A 65 -3.80 5.65 -17.46
CA GLU A 65 -2.37 5.41 -17.49
C GLU A 65 -1.62 6.72 -17.24
N ASP A 66 -2.28 7.84 -17.54
CA ASP A 66 -1.69 9.16 -17.34
C ASP A 66 -1.46 9.41 -15.87
N TYR A 67 -2.20 8.70 -15.02
CA TYR A 67 -2.10 8.91 -13.58
C TYR A 67 -1.59 7.73 -12.76
N ASP A 68 -0.70 6.93 -13.34
CA ASP A 68 -0.14 5.77 -12.65
C ASP A 68 0.87 6.20 -11.60
N ARG A 69 1.27 7.46 -11.68
CA ARG A 69 2.26 8.03 -10.77
C ARG A 69 1.57 8.86 -9.67
N LEU A 70 0.43 9.46 -10.00
CA LEU A 70 -0.31 10.27 -9.04
C LEU A 70 -1.19 9.43 -8.13
N ARG A 71 -1.92 8.51 -8.75
CA ARG A 71 -2.86 7.63 -8.07
C ARG A 71 -2.38 6.99 -6.76
N PRO A 72 -1.19 6.37 -6.75
CA PRO A 72 -0.72 5.73 -5.51
C PRO A 72 -0.51 6.69 -4.33
N LEU A 73 -0.58 8.00 -4.55
CA LEU A 73 -0.40 8.93 -3.44
C LEU A 73 -1.48 8.85 -2.38
N SER A 74 -2.57 8.15 -2.72
CA SER A 74 -3.64 7.98 -1.77
C SER A 74 -3.57 6.65 -1.05
N TYR A 75 -2.78 5.73 -1.61
CA TYR A 75 -2.62 4.39 -1.05
C TYR A 75 -2.08 4.24 0.39
N PRO A 76 -1.09 5.05 0.79
CA PRO A 76 -0.59 4.90 2.15
C PRO A 76 -1.70 4.98 3.20
N GLN A 77 -1.64 4.09 4.20
CA GLN A 77 -2.60 3.96 5.31
C GLN A 77 -3.95 3.35 4.95
N THR A 78 -4.11 2.90 3.72
CA THR A 78 -5.37 2.28 3.35
C THR A 78 -5.72 1.04 4.17
N ASP A 79 -6.99 0.88 4.49
CA ASP A 79 -7.48 -0.25 5.26
C ASP A 79 -8.07 -1.36 4.40
N VAL A 80 -8.64 -0.95 3.27
CA VAL A 80 -9.23 -1.86 2.31
C VAL A 80 -9.31 -1.25 0.92
N PHE A 81 -9.07 -2.09 -0.08
CA PHE A 81 -9.17 -1.67 -1.47
C PHE A 81 -10.37 -2.37 -2.07
N LEU A 82 -11.00 -1.72 -3.05
CA LEU A 82 -12.14 -2.30 -3.75
C LEU A 82 -11.74 -2.20 -5.21
N VAL A 83 -11.30 -3.34 -5.75
CA VAL A 83 -10.90 -3.43 -7.14
C VAL A 83 -12.20 -3.74 -7.86
N CYS A 84 -12.59 -2.86 -8.78
CA CYS A 84 -13.85 -3.02 -9.51
C CYS A 84 -13.74 -3.32 -11.00
N PHE A 85 -14.73 -4.05 -11.52
CA PHE A 85 -14.76 -4.39 -12.93
C PHE A 85 -16.20 -4.55 -13.40
N SER A 86 -16.51 -4.06 -14.59
CA SER A 86 -17.85 -4.15 -15.15
C SER A 86 -18.10 -5.58 -15.64
N VAL A 87 -19.30 -6.09 -15.43
CA VAL A 87 -19.65 -7.45 -15.86
C VAL A 87 -19.73 -7.56 -17.39
N VAL A 88 -20.30 -6.54 -18.01
CA VAL A 88 -20.45 -6.51 -19.45
C VAL A 88 -19.24 -5.87 -20.15
N SER A 89 -18.07 -6.04 -19.55
CA SER A 89 -16.84 -5.47 -20.12
C SER A 89 -15.63 -6.28 -19.66
N PRO A 90 -15.29 -7.33 -20.43
CA PRO A 90 -14.16 -8.23 -20.16
C PRO A 90 -12.81 -7.51 -20.16
N SER A 91 -12.72 -6.42 -20.90
CA SER A 91 -11.48 -5.64 -20.98
C SER A 91 -11.04 -5.21 -19.58
N SER A 92 -12.00 -4.83 -18.75
CA SER A 92 -11.71 -4.41 -17.38
C SER A 92 -11.39 -5.62 -16.51
N PHE A 93 -12.23 -6.64 -16.63
CA PHE A 93 -12.10 -7.89 -15.88
C PHE A 93 -10.70 -8.48 -16.03
N GLU A 94 -10.13 -8.36 -17.23
CA GLU A 94 -8.78 -8.86 -17.51
C GLU A 94 -7.77 -7.97 -16.80
N ASN A 95 -7.89 -6.66 -17.02
CA ASN A 95 -7.00 -5.68 -16.41
C ASN A 95 -6.91 -5.82 -14.89
N VAL A 96 -7.89 -6.50 -14.30
CA VAL A 96 -7.89 -6.72 -12.86
C VAL A 96 -6.64 -7.49 -12.44
N LYS A 97 -6.38 -8.60 -13.14
CA LYS A 97 -5.24 -9.47 -12.87
C LYS A 97 -3.93 -8.86 -13.36
N GLU A 98 -3.98 -8.19 -14.50
CA GLU A 98 -2.79 -7.58 -15.07
C GLU A 98 -2.28 -6.35 -14.33
N LYS A 99 -3.11 -5.30 -14.28
CA LYS A 99 -2.70 -4.05 -13.65
C LYS A 99 -3.05 -3.86 -12.18
N TRP A 100 -4.34 -3.82 -11.91
CA TRP A 100 -4.85 -3.55 -10.56
C TRP A 100 -4.32 -4.26 -9.35
N VAL A 101 -4.57 -5.57 -9.24
CA VAL A 101 -4.08 -6.32 -8.09
C VAL A 101 -2.59 -6.17 -7.87
N PRO A 102 -1.78 -6.20 -8.94
CA PRO A 102 -0.35 -6.05 -8.71
C PRO A 102 -0.03 -4.65 -8.21
N GLU A 103 -0.70 -3.63 -8.76
CA GLU A 103 -0.48 -2.25 -8.31
C GLU A 103 -0.76 -2.09 -6.80
N ILE A 104 -1.88 -2.64 -6.31
CA ILE A 104 -2.20 -2.51 -4.89
C ILE A 104 -1.36 -3.39 -3.97
N THR A 105 -1.06 -4.62 -4.41
CA THR A 105 -0.24 -5.52 -3.60
C THR A 105 1.21 -5.05 -3.59
N HIS A 106 1.57 -4.30 -4.62
CA HIS A 106 2.90 -3.74 -4.69
C HIS A 106 3.05 -2.65 -3.63
N HIS A 107 2.09 -1.72 -3.61
CA HIS A 107 2.11 -0.59 -2.68
C HIS A 107 1.62 -0.84 -1.27
N CYS A 108 0.69 -1.78 -1.12
CA CYS A 108 0.14 -2.10 0.21
C CYS A 108 0.12 -3.60 0.37
N PRO A 109 1.27 -4.17 0.77
CA PRO A 109 1.49 -5.60 0.99
C PRO A 109 0.38 -6.33 1.75
N LYS A 110 0.32 -6.11 3.06
CA LYS A 110 -0.68 -6.79 3.87
C LYS A 110 -2.07 -6.14 3.94
N THR A 111 -2.46 -5.40 2.91
CA THR A 111 -3.77 -4.74 2.89
C THR A 111 -4.78 -5.55 2.09
N PRO A 112 -5.89 -5.96 2.75
CA PRO A 112 -6.97 -6.75 2.16
C PRO A 112 -7.66 -6.00 1.03
N PHE A 113 -8.42 -6.73 0.23
CA PHE A 113 -9.17 -6.14 -0.87
C PHE A 113 -10.28 -7.09 -1.33
N LEU A 114 -11.19 -6.57 -2.14
CA LEU A 114 -12.30 -7.35 -2.67
C LEU A 114 -12.47 -7.04 -4.14
N LEU A 115 -13.10 -7.95 -4.87
CA LEU A 115 -13.36 -7.72 -6.28
C LEU A 115 -14.79 -7.28 -6.41
N VAL A 116 -15.01 -6.27 -7.23
CA VAL A 116 -16.35 -5.73 -7.36
C VAL A 116 -16.93 -5.77 -8.79
N GLY A 117 -18.02 -6.51 -8.93
CA GLY A 117 -18.68 -6.61 -10.21
C GLY A 117 -19.70 -5.49 -10.36
N THR A 118 -19.30 -4.43 -11.03
CA THR A 118 -20.19 -3.29 -11.25
C THR A 118 -21.14 -3.53 -12.40
N GLN A 119 -22.32 -2.93 -12.31
CA GLN A 119 -23.35 -3.04 -13.34
C GLN A 119 -23.80 -4.50 -13.54
N ILE A 120 -24.57 -4.99 -12.58
CA ILE A 120 -25.08 -6.36 -12.63
C ILE A 120 -26.42 -6.39 -13.37
N ASP A 121 -27.00 -5.21 -13.54
CA ASP A 121 -28.27 -5.08 -14.24
C ASP A 121 -28.04 -5.43 -15.71
N LEU A 122 -26.83 -5.17 -16.19
CA LEU A 122 -26.47 -5.44 -17.56
C LEU A 122 -26.15 -6.89 -17.86
N ARG A 123 -26.15 -7.74 -16.83
CA ARG A 123 -25.91 -9.16 -17.02
C ARG A 123 -27.01 -9.65 -17.97
N ASP A 124 -28.14 -8.94 -17.93
CA ASP A 124 -29.32 -9.23 -18.74
C ASP A 124 -29.87 -7.93 -19.34
N ASP A 125 -29.31 -7.52 -20.47
CA ASP A 125 -29.73 -6.31 -21.18
C ASP A 125 -29.53 -6.48 -22.69
N PRO A 126 -30.52 -6.02 -23.50
CA PRO A 126 -30.49 -6.10 -24.96
C PRO A 126 -29.20 -5.61 -25.63
N SER A 127 -29.11 -4.31 -25.86
CA SER A 127 -27.97 -3.66 -26.52
C SER A 127 -26.57 -4.08 -26.07
N THR A 128 -26.39 -4.27 -24.77
CA THR A 128 -25.08 -4.67 -24.23
C THR A 128 -24.70 -6.10 -24.56
N ILE A 129 -25.63 -7.05 -24.36
CA ILE A 129 -25.37 -8.46 -24.66
C ILE A 129 -25.19 -8.62 -26.16
N GLU A 130 -25.84 -7.73 -26.91
CA GLU A 130 -25.79 -7.69 -28.36
C GLU A 130 -24.35 -7.67 -28.89
N LYS A 131 -23.60 -6.64 -28.51
CA LYS A 131 -22.22 -6.48 -28.95
C LYS A 131 -21.26 -7.47 -28.28
N LEU A 132 -21.72 -8.07 -27.19
CA LEU A 132 -20.91 -9.03 -26.44
C LEU A 132 -20.80 -10.38 -27.13
N ALA A 133 -21.88 -11.17 -27.08
CA ALA A 133 -21.90 -12.49 -27.69
C ALA A 133 -21.47 -12.50 -29.16
N LYS A 134 -21.34 -11.31 -29.74
CA LYS A 134 -20.92 -11.15 -31.12
C LYS A 134 -19.41 -11.34 -31.26
N ASN A 135 -18.64 -10.54 -30.53
CA ASN A 135 -17.18 -10.58 -30.58
C ASN A 135 -16.59 -11.68 -29.66
N LYS A 136 -17.31 -12.80 -29.54
CA LYS A 136 -16.88 -13.93 -28.71
C LYS A 136 -16.56 -13.52 -27.27
N GLN A 137 -17.55 -12.95 -26.59
CA GLN A 137 -17.41 -12.51 -25.21
C GLN A 137 -18.75 -12.48 -24.51
N LYS A 138 -18.84 -13.16 -23.37
CA LYS A 138 -20.08 -13.23 -22.61
C LYS A 138 -19.92 -12.77 -21.17
N PRO A 139 -21.00 -12.20 -20.58
CA PRO A 139 -21.06 -11.68 -19.21
C PRO A 139 -20.46 -12.61 -18.14
N ILE A 140 -19.80 -12.00 -17.16
CA ILE A 140 -19.16 -12.71 -16.06
C ILE A 140 -20.18 -13.18 -15.01
N THR A 141 -19.90 -14.31 -14.40
CA THR A 141 -20.77 -14.90 -13.38
C THR A 141 -20.07 -14.96 -12.03
N PRO A 142 -20.85 -14.98 -10.93
CA PRO A 142 -20.27 -15.05 -9.59
C PRO A 142 -19.24 -16.18 -9.47
N GLU A 143 -19.56 -17.32 -10.10
CA GLU A 143 -18.68 -18.49 -10.09
C GLU A 143 -17.35 -18.16 -10.76
N THR A 144 -17.43 -17.48 -11.91
CA THR A 144 -16.25 -17.08 -12.67
C THR A 144 -15.37 -16.14 -11.83
N ALA A 145 -15.98 -15.09 -11.30
CA ALA A 145 -15.29 -14.10 -10.48
C ALA A 145 -14.71 -14.68 -9.19
N GLU A 146 -15.47 -15.53 -8.51
CA GLU A 146 -15.02 -16.15 -7.26
C GLU A 146 -13.73 -16.94 -7.47
N LYS A 147 -13.57 -17.49 -8.67
CA LYS A 147 -12.38 -18.26 -9.01
C LYS A 147 -11.19 -17.31 -9.03
N LEU A 148 -11.30 -16.23 -9.82
CA LEU A 148 -10.23 -15.24 -9.93
C LEU A 148 -9.90 -14.61 -8.59
N ALA A 149 -10.94 -14.31 -7.81
CA ALA A 149 -10.78 -13.72 -6.49
C ALA A 149 -9.94 -14.60 -5.56
N ARG A 150 -10.32 -15.87 -5.45
CA ARG A 150 -9.60 -16.81 -4.59
C ARG A 150 -8.19 -17.02 -5.12
N ASP A 151 -8.06 -16.97 -6.44
CA ASP A 151 -6.75 -17.13 -7.09
C ASP A 151 -5.89 -15.95 -6.67
N LEU A 152 -6.48 -14.76 -6.76
CA LEU A 152 -5.81 -13.50 -6.40
C LEU A 152 -5.73 -13.30 -4.89
N LYS A 153 -6.41 -14.17 -4.15
CA LYS A 153 -6.46 -14.15 -2.69
C LYS A 153 -7.25 -12.96 -2.12
N ALA A 154 -8.31 -12.60 -2.83
CA ALA A 154 -9.18 -11.52 -2.41
C ALA A 154 -10.05 -12.05 -1.29
N VAL A 155 -10.21 -11.22 -0.26
CA VAL A 155 -11.03 -11.55 0.88
C VAL A 155 -12.36 -12.16 0.42
N LYS A 156 -12.88 -11.65 -0.70
CA LYS A 156 -14.16 -12.12 -1.23
C LYS A 156 -14.45 -11.52 -2.60
N TYR A 157 -15.61 -11.87 -3.13
CA TYR A 157 -16.06 -11.33 -4.39
C TYR A 157 -17.49 -10.88 -4.13
N VAL A 158 -17.80 -9.65 -4.54
CA VAL A 158 -19.14 -9.12 -4.37
C VAL A 158 -19.46 -8.37 -5.63
N GLU A 159 -20.75 -8.18 -5.89
CA GLU A 159 -21.15 -7.49 -7.10
C GLU A 159 -22.35 -6.61 -6.77
N CYS A 160 -22.63 -5.68 -7.67
CA CYS A 160 -23.71 -4.76 -7.43
C CYS A 160 -23.99 -3.91 -8.67
N SER A 161 -25.01 -3.09 -8.54
CA SER A 161 -25.40 -2.17 -9.60
C SER A 161 -25.60 -0.82 -8.95
N ALA A 162 -24.90 0.20 -9.46
CA ALA A 162 -25.04 1.54 -8.92
C ALA A 162 -26.38 2.09 -9.42
N LEU A 163 -26.93 1.40 -10.41
CA LEU A 163 -28.22 1.78 -10.98
C LEU A 163 -29.36 1.27 -10.10
N THR A 164 -29.39 -0.03 -9.89
CA THR A 164 -30.45 -0.65 -9.10
C THR A 164 -30.08 -0.81 -7.62
N GLN A 165 -28.92 -0.27 -7.24
CA GLN A 165 -28.43 -0.32 -5.87
C GLN A 165 -28.52 -1.71 -5.23
N LYS A 166 -28.58 -2.74 -6.06
CA LYS A 166 -28.65 -4.09 -5.57
C LYS A 166 -27.25 -4.48 -5.15
N GLY A 167 -27.09 -4.81 -3.86
CA GLY A 167 -25.81 -5.20 -3.32
C GLY A 167 -24.86 -4.08 -2.92
N LEU A 168 -25.22 -2.84 -3.23
CA LEU A 168 -24.38 -1.69 -2.91
C LEU A 168 -24.08 -1.56 -1.40
N LYS A 169 -25.12 -1.33 -0.60
CA LYS A 169 -24.96 -1.21 0.85
C LYS A 169 -24.13 -2.36 1.40
N ASN A 170 -24.25 -3.52 0.77
CA ASN A 170 -23.52 -4.72 1.17
C ASN A 170 -22.01 -4.72 0.83
N VAL A 171 -21.66 -4.11 -0.30
CA VAL A 171 -20.27 -4.02 -0.74
C VAL A 171 -19.43 -3.30 0.31
N PHE A 172 -19.97 -2.20 0.83
CA PHE A 172 -19.26 -1.43 1.84
C PHE A 172 -19.31 -2.09 3.20
N ASP A 173 -20.37 -2.84 3.47
CA ASP A 173 -20.50 -3.58 4.71
C ASP A 173 -19.41 -4.66 4.73
N GLU A 174 -19.16 -5.31 3.59
CA GLU A 174 -18.10 -6.31 3.55
C GLU A 174 -16.75 -5.63 3.53
N ALA A 175 -16.72 -4.42 2.97
CA ALA A 175 -15.49 -3.63 2.94
C ALA A 175 -15.05 -3.35 4.36
N ILE A 176 -16.01 -2.96 5.21
CA ILE A 176 -15.76 -2.66 6.60
C ILE A 176 -15.26 -3.91 7.28
N LEU A 177 -16.06 -4.97 7.25
CA LEU A 177 -15.65 -6.24 7.88
C LEU A 177 -14.29 -6.73 7.40
N ALA A 178 -14.04 -6.63 6.09
CA ALA A 178 -12.77 -7.04 5.50
C ALA A 178 -11.60 -6.28 6.15
N ALA A 179 -11.83 -4.99 6.45
CA ALA A 179 -10.81 -4.16 7.08
C ALA A 179 -10.66 -4.38 8.57
N LEU A 180 -11.60 -5.06 9.20
CA LEU A 180 -11.50 -5.29 10.64
C LEU A 180 -10.68 -6.52 10.99
N GLU A 181 -10.65 -7.48 10.07
CA GLU A 181 -9.91 -8.72 10.26
C GLU A 181 -8.42 -8.50 10.42
N PRO A 182 -7.85 -8.97 11.55
CA PRO A 182 -6.43 -8.86 11.90
C PRO A 182 -5.48 -9.34 10.81
N PRO A 183 -4.31 -8.70 10.72
CA PRO A 183 -3.21 -8.93 9.78
C PRO A 183 -2.80 -10.38 9.52
N GLU A 184 -2.38 -11.07 10.58
CA GLU A 184 -1.87 -12.44 10.52
C GLU A 184 -0.45 -12.33 9.97
N PRO A 185 0.54 -12.18 10.87
CA PRO A 185 1.98 -12.05 10.61
C PRO A 185 2.55 -12.82 9.43
N LYS A 186 2.72 -14.12 9.60
CA LYS A 186 3.28 -14.99 8.56
C LYS A 186 4.70 -14.56 8.18
N LYS A 187 5.22 -13.59 8.92
CA LYS A 187 6.57 -13.06 8.72
C LYS A 187 7.47 -13.50 9.88
N SER A 188 7.55 -14.82 10.06
CA SER A 188 8.34 -15.42 11.14
C SER A 188 9.86 -15.29 10.94
N ARG A 189 10.46 -14.38 11.71
CA ARG A 189 11.90 -14.15 11.64
C ARG A 189 12.73 -15.15 12.43
N ARG A 190 12.10 -15.83 13.39
CA ARG A 190 12.79 -16.85 14.19
C ARG A 190 13.01 -18.10 13.35
N CMT A 191 13.96 -18.93 13.74
CA CMT A 191 14.27 -20.14 12.98
C CMT A 191 14.53 -21.34 13.89
O CMT A 191 15.52 -22.07 13.67
CB CMT A 191 15.49 -19.86 12.09
SG CMT A 191 15.62 -18.13 11.54
OXT CMT A 191 13.71 -21.54 14.83
C1 CMT A 191 13.77 -22.61 15.79
N GLU B 20 28.26 -23.03 22.98
CA GLU B 20 28.57 -22.77 21.55
C GLU B 20 27.47 -21.94 20.89
N PRO B 21 27.76 -20.66 20.62
CA PRO B 21 26.83 -19.71 20.00
C PRO B 21 26.43 -20.02 18.56
N THR B 22 27.39 -19.91 17.63
CA THR B 22 27.08 -20.15 16.22
C THR B 22 28.19 -20.84 15.42
N ALA B 23 27.77 -21.55 14.38
CA ALA B 23 28.67 -22.28 13.48
C ALA B 23 28.42 -21.79 12.06
N GLU B 24 28.40 -22.71 11.11
CA GLU B 24 28.15 -22.36 9.71
C GLU B 24 26.75 -22.86 9.32
N GLN B 25 25.92 -23.10 10.33
CA GLN B 25 24.56 -23.55 10.11
C GLN B 25 23.70 -22.34 9.74
N LEU B 26 24.38 -21.25 9.38
CA LEU B 26 23.75 -20.00 8.99
C LEU B 26 23.08 -20.13 7.63
N ALA B 27 23.66 -20.97 6.77
CA ALA B 27 23.13 -21.21 5.44
C ALA B 27 21.78 -21.92 5.52
N GLN B 28 21.59 -22.73 6.55
CA GLN B 28 20.33 -23.45 6.73
C GLN B 28 19.23 -22.48 7.15
N ILE B 29 19.63 -21.41 7.86
CA ILE B 29 18.70 -20.38 8.32
C ILE B 29 17.97 -19.73 7.14
N ALA B 30 18.59 -19.79 5.96
CA ALA B 30 18.02 -19.22 4.74
C ALA B 30 16.77 -19.98 4.30
N ALA B 31 15.95 -20.37 5.28
CA ALA B 31 14.70 -21.08 5.01
C ALA B 31 13.61 -20.03 4.77
N GLU B 32 14.00 -18.95 4.10
CA GLU B 32 13.14 -17.83 3.76
C GLU B 32 13.62 -17.34 2.39
N ASN B 33 14.69 -16.54 2.42
CA ASN B 33 15.35 -15.97 1.24
C ASN B 33 14.43 -15.60 0.06
N GLU B 34 14.86 -15.97 -1.15
CA GLU B 34 14.10 -15.68 -2.36
C GLU B 34 13.42 -16.91 -2.96
N GLU B 35 12.09 -16.84 -2.97
CA GLU B 35 11.17 -17.86 -3.49
C GLU B 35 9.77 -17.31 -3.26
N ASP B 36 9.73 -16.18 -2.53
CA ASP B 36 8.50 -15.48 -2.20
C ASP B 36 8.16 -14.42 -3.23
N GLU B 37 8.91 -14.40 -4.34
CA GLU B 37 8.68 -13.43 -5.42
C GLU B 37 7.39 -13.77 -6.15
N HIS B 38 7.38 -14.94 -6.80
CA HIS B 38 6.27 -15.48 -7.58
C HIS B 38 5.00 -14.64 -7.65
N SER B 39 5.08 -13.57 -8.44
CA SER B 39 3.97 -12.63 -8.63
C SER B 39 4.07 -12.00 -10.00
N VAL B 40 2.92 -11.65 -10.58
CA VAL B 40 2.87 -11.00 -11.88
C VAL B 40 3.37 -9.58 -11.62
N ASN B 41 4.62 -9.32 -12.00
CA ASN B 41 5.26 -8.03 -11.79
C ASN B 41 4.42 -6.78 -12.02
N TYR B 42 4.61 -5.83 -11.12
CA TYR B 42 3.92 -4.55 -11.11
C TYR B 42 3.96 -3.74 -12.41
N LYS B 43 5.16 -3.24 -12.75
CA LYS B 43 5.44 -2.39 -13.91
C LYS B 43 5.50 -0.95 -13.43
N PRO B 44 6.71 -0.40 -13.27
CA PRO B 44 6.88 0.98 -12.82
C PRO B 44 6.12 1.99 -13.67
N PRO B 45 5.67 3.08 -13.07
CA PRO B 45 4.93 4.09 -13.82
C PRO B 45 5.91 5.00 -14.54
N ALA B 46 5.47 5.60 -15.64
CA ALA B 46 6.31 6.52 -16.42
C ALA B 46 6.89 7.59 -15.49
N GLN B 47 7.99 8.21 -15.92
CA GLN B 47 8.62 9.24 -15.11
C GLN B 47 8.06 10.62 -15.43
N LYS B 48 6.76 10.80 -15.17
CA LYS B 48 6.10 12.09 -15.39
C LYS B 48 6.50 13.02 -14.24
N SER B 49 5.97 14.24 -14.23
CA SER B 49 6.31 15.17 -13.16
C SER B 49 5.13 16.03 -12.72
N ILE B 50 5.25 16.61 -11.53
CA ILE B 50 4.18 17.44 -10.96
C ILE B 50 3.62 18.51 -11.90
N GLN B 51 4.49 19.31 -12.50
CA GLN B 51 4.05 20.36 -13.40
C GLN B 51 3.32 19.73 -14.59
N GLU B 52 3.83 18.59 -15.04
CA GLU B 52 3.23 17.84 -16.15
C GLU B 52 1.86 17.31 -15.73
N ILE B 53 1.79 16.84 -14.48
CA ILE B 53 0.55 16.30 -13.91
C ILE B 53 -0.47 17.44 -13.82
N GLN B 54 0.02 18.58 -13.39
CA GLN B 54 -0.75 19.79 -13.21
C GLN B 54 -1.40 20.32 -14.49
N GLU B 55 -0.80 20.02 -15.64
CA GLU B 55 -1.32 20.50 -16.93
C GLU B 55 -2.07 19.47 -17.78
N LEU B 56 -2.17 18.23 -17.29
CA LEU B 56 -2.85 17.16 -18.02
C LEU B 56 -4.34 17.30 -18.31
N ASP B 57 -5.10 17.87 -17.38
CA ASP B 57 -6.54 18.04 -17.59
C ASP B 57 -7.05 19.24 -16.82
N LYS B 58 -6.55 20.43 -17.14
CA LYS B 58 -6.96 21.66 -16.47
C LYS B 58 -8.46 21.90 -16.60
N ASP B 59 -9.04 21.36 -17.66
CA ASP B 59 -10.47 21.49 -17.95
C ASP B 59 -11.37 20.80 -16.94
N ASP B 60 -10.85 19.74 -16.33
CA ASP B 60 -11.62 18.94 -15.38
C ASP B 60 -11.57 19.41 -13.94
N GLU B 61 -12.62 20.12 -13.51
CA GLU B 61 -12.69 20.64 -12.14
C GLU B 61 -12.49 19.55 -11.09
N SER B 62 -13.13 18.41 -11.33
CA SER B 62 -13.06 17.24 -10.46
C SER B 62 -11.63 16.71 -10.30
N LEU B 63 -10.88 16.68 -11.40
CA LEU B 63 -9.51 16.22 -11.39
C LEU B 63 -8.58 17.21 -10.69
N ARG B 64 -8.86 18.50 -10.81
CA ARG B 64 -8.03 19.51 -10.14
C ARG B 64 -8.18 19.37 -8.63
N LYS B 65 -9.40 19.07 -8.19
CA LYS B 65 -9.68 18.90 -6.75
C LYS B 65 -8.92 17.67 -6.28
N TYR B 66 -8.86 16.68 -7.16
CA TYR B 66 -8.18 15.41 -6.93
C TYR B 66 -6.67 15.61 -6.78
N LYS B 67 -6.08 16.39 -7.67
CA LYS B 67 -4.65 16.65 -7.58
C LYS B 67 -4.38 17.52 -6.37
N GLU B 68 -5.26 18.47 -6.09
CA GLU B 68 -5.04 19.34 -4.93
C GLU B 68 -5.03 18.58 -3.61
N ALA B 69 -5.95 17.64 -3.44
CA ALA B 69 -6.00 16.86 -2.20
C ALA B 69 -4.71 16.05 -2.01
N LEU B 70 -4.22 15.45 -3.10
CA LEU B 70 -3.01 14.67 -3.06
C LEU B 70 -1.72 15.50 -3.03
N LEU B 71 -1.65 16.52 -3.89
CA LEU B 71 -0.46 17.37 -4.00
C LEU B 71 -0.38 18.58 -3.08
N GLY B 72 -1.47 18.91 -2.41
CA GLY B 72 -1.46 20.08 -1.55
C GLY B 72 -1.29 21.34 -2.37
N ARG B 73 -0.49 22.28 -1.88
CA ARG B 73 -0.27 23.53 -2.60
C ARG B 73 0.92 24.40 -2.17
N VAL B 74 1.70 24.82 -3.18
CA VAL B 74 2.88 25.67 -3.04
C VAL B 74 3.94 25.12 -2.05
N ALA B 75 4.91 25.98 -1.71
CA ALA B 75 6.01 25.67 -0.78
C ALA B 75 7.08 24.72 -1.34
N VAL B 76 8.06 25.28 -2.04
CA VAL B 76 9.18 24.54 -2.61
C VAL B 76 10.43 25.39 -2.40
N SER B 77 11.30 24.94 -1.47
CA SER B 77 12.53 25.66 -1.14
C SER B 77 13.74 25.30 -1.99
N ALA B 78 14.88 25.07 -1.33
CA ALA B 78 16.15 24.73 -1.98
C ALA B 78 16.03 23.74 -3.13
N ASP B 79 16.47 24.18 -4.31
CA ASP B 79 16.43 23.36 -5.51
C ASP B 79 17.81 22.78 -5.85
N PRO B 80 18.88 23.59 -5.74
CA PRO B 80 20.22 23.09 -6.05
C PRO B 80 20.73 21.98 -5.13
N ASN B 81 21.25 22.39 -3.97
CA ASN B 81 21.83 21.50 -2.97
C ASN B 81 20.97 20.30 -2.56
N VAL B 82 19.70 20.57 -2.26
CA VAL B 82 18.78 19.53 -1.82
C VAL B 82 18.20 18.59 -2.87
N PRO B 83 18.32 17.26 -2.63
CA PRO B 83 17.82 16.21 -3.53
C PRO B 83 16.29 16.08 -3.30
N ASN B 84 15.64 15.21 -4.05
CA ASN B 84 14.19 15.05 -3.89
C ASN B 84 13.79 14.40 -2.57
N VAL B 85 14.54 13.39 -2.16
CA VAL B 85 14.26 12.70 -0.91
C VAL B 85 15.44 12.85 0.03
N VAL B 86 15.14 13.01 1.31
CA VAL B 86 16.16 13.15 2.33
C VAL B 86 15.67 12.54 3.64
N VAL B 87 16.11 11.31 3.87
CA VAL B 87 15.74 10.59 5.08
C VAL B 87 16.47 11.24 6.24
N THR B 88 15.72 11.52 7.29
CA THR B 88 16.27 12.17 8.46
C THR B 88 16.75 11.16 9.48
N ARG B 89 15.93 10.15 9.73
CA ARG B 89 16.26 9.15 10.72
C ARG B 89 15.43 7.88 10.66
N LEU B 90 15.86 6.92 11.45
CA LEU B 90 15.22 5.62 11.57
C LEU B 90 15.15 5.45 13.07
N THR B 91 13.94 5.31 13.60
CA THR B 91 13.77 5.18 15.04
C THR B 91 13.16 3.84 15.40
N LEU B 92 13.65 3.25 16.48
CA LEU B 92 13.11 1.97 16.92
C LEU B 92 12.05 2.21 17.97
N VAL B 93 10.80 2.02 17.59
CA VAL B 93 9.71 2.21 18.51
C VAL B 93 9.50 0.95 19.33
N CYS B 94 9.80 1.05 20.62
CA CYS B 94 9.64 -0.07 21.53
C CYS B 94 9.29 0.41 22.93
N SER B 95 8.20 -0.15 23.45
CA SER B 95 7.69 0.16 24.78
C SER B 95 8.54 -0.42 25.91
N THR B 96 9.24 -1.51 25.61
CA THR B 96 10.08 -2.20 26.58
C THR B 96 11.52 -1.67 26.60
N ALA B 97 11.91 -0.98 25.53
CA ALA B 97 13.26 -0.42 25.44
C ALA B 97 13.39 0.83 26.31
N PRO B 98 14.27 0.77 27.33
CA PRO B 98 14.52 1.89 28.26
C PRO B 98 15.20 3.08 27.59
N GLY B 99 16.27 2.83 26.86
CA GLY B 99 16.99 3.88 26.17
C GLY B 99 16.56 4.01 24.72
N PRO B 100 16.48 5.24 24.17
CA PRO B 100 16.08 5.52 22.78
C PRO B 100 17.05 4.94 21.75
N LEU B 101 16.50 4.46 20.63
CA LEU B 101 17.31 3.90 19.55
C LEU B 101 17.06 4.60 18.22
N GLU B 102 17.97 5.47 17.85
CA GLU B 102 17.85 6.21 16.60
C GLU B 102 19.14 6.15 15.79
N LEU B 103 19.08 6.65 14.57
CA LEU B 103 20.22 6.68 13.65
C LEU B 103 20.09 7.96 12.81
N ASP B 104 20.93 8.96 13.08
CA ASP B 104 20.89 10.22 12.32
C ASP B 104 21.44 10.04 10.91
N LEU B 105 20.56 9.68 9.99
CA LEU B 105 20.94 9.46 8.58
C LEU B 105 21.27 10.77 7.87
N THR B 106 21.91 11.67 8.61
CA THR B 106 22.32 12.98 8.12
C THR B 106 23.83 13.13 8.38
N GLY B 107 24.59 13.42 7.32
CA GLY B 107 26.02 13.61 7.45
C GLY B 107 26.87 12.35 7.51
N ASP B 108 27.71 12.26 8.56
CA ASP B 108 28.60 11.11 8.75
C ASP B 108 27.87 9.79 9.02
N LEU B 109 28.15 8.81 8.18
CA LEU B 109 27.51 7.51 8.32
C LEU B 109 28.50 6.43 8.78
N GLU B 110 29.79 6.71 8.64
CA GLU B 110 30.84 5.77 9.02
C GLU B 110 30.81 5.46 10.52
N SER B 111 30.23 6.37 11.29
CA SER B 111 30.11 6.23 12.74
C SER B 111 29.33 4.97 13.10
N PHE B 112 28.36 4.63 12.27
CA PHE B 112 27.52 3.45 12.47
C PHE B 112 28.27 2.14 12.29
N LYS B 113 29.50 2.22 11.78
CA LYS B 113 30.32 1.04 11.54
C LYS B 113 31.12 0.62 12.78
N LYS B 114 30.83 1.23 13.92
CA LYS B 114 31.53 0.91 15.16
C LYS B 114 30.66 1.11 16.40
N GLN B 115 29.35 1.00 16.25
CA GLN B 115 28.43 1.17 17.37
C GLN B 115 27.93 -0.17 17.90
N SER B 116 27.46 -0.16 19.14
CA SER B 116 26.95 -1.37 19.77
C SER B 116 25.45 -1.24 20.03
N PHE B 117 24.65 -1.50 18.99
CA PHE B 117 23.20 -1.42 19.10
C PHE B 117 22.59 -2.69 19.66
N VAL B 118 22.25 -2.65 20.95
CA VAL B 118 21.64 -3.80 21.60
C VAL B 118 20.13 -3.84 21.39
N LEU B 119 19.59 -5.05 21.24
CA LEU B 119 18.16 -5.25 21.04
C LEU B 119 17.77 -6.53 21.76
N LYS B 120 17.11 -6.40 22.90
CA LYS B 120 16.68 -7.56 23.68
C LYS B 120 15.88 -8.58 22.85
N GLU B 121 16.22 -9.85 23.04
CA GLU B 121 15.58 -10.95 22.33
C GLU B 121 14.07 -11.09 22.59
N GLY B 122 13.36 -11.64 21.61
CA GLY B 122 11.93 -11.89 21.71
C GLY B 122 10.95 -10.72 21.81
N VAL B 123 11.46 -9.50 21.89
CA VAL B 123 10.60 -8.34 22.01
C VAL B 123 9.99 -7.87 20.69
N GLU B 124 8.68 -7.59 20.74
CA GLU B 124 7.92 -7.09 19.61
C GLU B 124 8.38 -5.65 19.39
N TYR B 125 8.53 -5.24 18.14
CA TYR B 125 8.98 -3.90 17.87
C TYR B 125 8.56 -3.45 16.48
N ARG B 126 8.87 -2.20 16.17
CA ARG B 126 8.57 -1.64 14.87
C ARG B 126 9.48 -0.46 14.55
N ILE B 127 9.65 -0.19 13.25
CA ILE B 127 10.51 0.88 12.77
C ILE B 127 9.77 2.17 12.36
N LYS B 128 10.29 3.30 12.83
CA LYS B 128 9.73 4.60 12.50
C LYS B 128 10.67 5.29 11.55
N ILE B 129 10.31 5.28 10.26
CA ILE B 129 11.09 5.91 9.21
C ILE B 129 10.69 7.39 9.13
N SER B 130 11.68 8.28 9.10
CA SER B 130 11.41 9.70 9.06
C SER B 130 12.16 10.35 7.90
N PHE B 131 11.44 10.60 6.82
CA PHE B 131 11.99 11.19 5.61
C PHE B 131 11.33 12.53 5.26
N ARG B 132 11.73 13.08 4.11
CA ARG B 132 11.19 14.35 3.65
C ARG B 132 11.31 14.46 2.14
N VAL B 133 10.19 14.67 1.47
CA VAL B 133 10.19 14.83 0.01
C VAL B 133 10.31 16.31 -0.23
N ASN B 134 11.12 16.68 -1.23
CA ASN B 134 11.35 18.09 -1.52
C ASN B 134 10.68 18.63 -2.77
N ARG B 135 11.06 18.09 -3.93
CA ARG B 135 10.52 18.61 -5.18
C ARG B 135 9.46 17.83 -5.91
N GLU B 136 9.78 16.61 -6.32
CA GLU B 136 8.84 15.79 -7.07
C GLU B 136 8.19 14.66 -6.28
N ILE B 137 7.61 13.71 -7.02
CA ILE B 137 6.96 12.56 -6.41
C ILE B 137 7.96 11.41 -6.31
N VAL B 138 7.85 10.66 -5.21
CA VAL B 138 8.70 9.51 -4.95
C VAL B 138 7.72 8.38 -5.13
N SER B 139 7.87 7.62 -6.21
CA SER B 139 6.98 6.51 -6.50
C SER B 139 7.38 5.16 -5.89
N GLY B 140 6.52 4.65 -5.01
CA GLY B 140 6.77 3.37 -4.36
C GLY B 140 8.10 3.18 -3.66
N MET B 141 8.46 4.13 -2.79
CA MET B 141 9.70 4.09 -2.05
C MET B 141 9.72 2.93 -1.05
N LYS B 142 10.83 2.19 -1.03
CA LYS B 142 10.96 1.06 -0.12
C LYS B 142 12.24 1.06 0.69
N TYR B 143 12.22 0.31 1.78
CA TYR B 143 13.38 0.20 2.66
C TYR B 143 13.84 -1.25 2.63
N ILE B 144 15.01 -1.47 2.05
CA ILE B 144 15.57 -2.81 1.96
C ILE B 144 16.65 -3.01 3.02
N GLN B 145 16.48 -4.08 3.79
CA GLN B 145 17.41 -4.42 4.87
C GLN B 145 18.01 -5.82 4.70
N HIS B 146 19.34 -5.88 4.74
CA HIS B 146 20.08 -7.14 4.63
C HIS B 146 20.81 -7.45 5.91
N THR B 147 20.44 -8.57 6.54
CA THR B 147 21.07 -8.97 7.80
C THR B 147 22.17 -10.01 7.62
N TYR B 148 23.40 -9.62 7.95
CA TYR B 148 24.56 -10.50 7.83
C TYR B 148 25.08 -10.97 9.20
N ARG B 149 25.50 -12.24 9.24
CA ARG B 149 26.08 -12.86 10.44
C ARG B 149 27.31 -13.61 9.94
N LYS B 150 28.48 -13.15 10.34
CA LYS B 150 29.76 -13.74 9.93
C LYS B 150 29.96 -13.60 8.41
N GLY B 151 29.43 -12.52 7.86
CA GLY B 151 29.56 -12.26 6.43
C GLY B 151 28.52 -12.96 5.56
N VAL B 152 27.66 -13.74 6.19
CA VAL B 152 26.63 -14.47 5.48
C VAL B 152 25.27 -13.77 5.55
N LYS B 153 24.67 -13.55 4.38
CA LYS B 153 23.35 -12.92 4.28
C LYS B 153 22.33 -13.99 4.66
N ILE B 154 21.73 -13.83 5.84
CA ILE B 154 20.75 -14.79 6.33
C ILE B 154 19.32 -14.25 6.31
N ASP B 155 19.13 -13.05 5.77
CA ASP B 155 17.80 -12.46 5.74
C ASP B 155 17.64 -11.27 4.78
N LYS B 156 16.61 -11.36 3.95
CA LYS B 156 16.26 -10.32 2.99
C LYS B 156 14.89 -9.77 3.43
N THR B 157 14.77 -8.45 3.56
CA THR B 157 13.50 -7.84 3.98
C THR B 157 13.15 -6.53 3.28
N ASP B 158 11.91 -6.45 2.80
CA ASP B 158 11.42 -5.27 2.13
C ASP B 158 10.24 -4.65 2.85
N TYR B 159 10.38 -3.36 3.19
CA TYR B 159 9.33 -2.59 3.85
C TYR B 159 8.87 -1.47 2.91
N MET B 160 7.73 -1.68 2.25
CA MET B 160 7.19 -0.67 1.34
C MET B 160 6.66 0.52 2.12
N VAL B 161 7.07 1.71 1.69
CA VAL B 161 6.64 2.95 2.35
C VAL B 161 5.58 3.59 1.45
N GLY B 162 5.70 3.38 0.15
CA GLY B 162 4.73 3.94 -0.78
C GLY B 162 5.16 5.22 -1.47
N SER B 163 4.25 5.78 -2.27
CA SER B 163 4.51 6.99 -3.02
C SER B 163 4.08 8.20 -2.19
N TYR B 164 4.85 9.28 -2.26
CA TYR B 164 4.56 10.50 -1.51
C TYR B 164 4.80 11.77 -2.30
N GLY B 165 4.14 12.85 -1.88
CA GLY B 165 4.33 14.13 -2.54
C GLY B 165 5.19 15.06 -1.74
N PRO B 166 5.72 16.12 -2.38
CA PRO B 166 6.59 17.12 -1.74
C PRO B 166 5.84 17.97 -0.73
N ARG B 167 6.51 18.32 0.36
CA ARG B 167 5.94 19.18 1.38
C ARG B 167 7.00 19.66 2.38
N ALA B 168 6.66 20.69 3.14
CA ALA B 168 7.59 21.25 4.12
C ALA B 168 7.75 20.33 5.33
N GLU B 169 6.62 19.84 5.84
CA GLU B 169 6.64 18.96 7.01
C GLU B 169 7.09 17.53 6.65
N GLU B 170 7.92 16.97 7.51
CA GLU B 170 8.44 15.63 7.32
C GLU B 170 7.39 14.53 7.52
N TYR B 171 7.59 13.39 6.86
CA TYR B 171 6.71 12.25 6.99
C TYR B 171 7.30 11.26 8.01
N GLU B 172 6.44 10.49 8.65
CA GLU B 172 6.87 9.49 9.63
C GLU B 172 6.12 8.19 9.42
N PHE B 173 6.75 7.25 8.73
CA PHE B 173 6.16 5.94 8.44
C PHE B 173 6.57 4.86 9.47
N LEU B 174 5.63 4.00 9.85
CA LEU B 174 5.88 2.93 10.81
C LEU B 174 5.64 1.59 10.17
N THR B 175 6.59 0.67 10.38
CA THR B 175 6.51 -0.67 9.82
C THR B 175 5.64 -1.54 10.74
N PRO B 176 5.15 -2.67 10.23
CA PRO B 176 4.33 -3.51 11.11
C PRO B 176 5.12 -4.03 12.32
N MET B 177 4.38 -4.45 13.33
CA MET B 177 4.96 -5.02 14.54
C MET B 177 5.58 -6.38 14.18
N GLU B 178 6.83 -6.55 14.58
CA GLU B 178 7.59 -7.79 14.35
C GLU B 178 8.21 -8.23 15.67
N GLU B 179 8.50 -9.52 15.78
CA GLU B 179 9.13 -10.07 16.98
C GLU B 179 10.64 -10.22 16.79
N ALA B 180 11.39 -10.10 17.88
CA ALA B 180 12.84 -10.26 17.86
C ALA B 180 13.13 -11.75 18.05
N PRO B 181 14.24 -12.26 17.48
CA PRO B 181 14.62 -13.67 17.60
C PRO B 181 15.02 -14.06 19.01
N LYS B 182 14.88 -15.34 19.34
CA LYS B 182 15.23 -15.87 20.66
C LYS B 182 16.71 -16.20 20.73
N GLY B 183 17.38 -15.55 21.69
CA GLY B 183 18.82 -15.72 21.87
C GLY B 183 19.45 -17.03 22.30
N MET B 184 18.65 -18.02 22.70
CA MET B 184 19.18 -19.32 23.12
C MET B 184 20.23 -19.85 22.13
N LEU B 185 20.13 -19.40 20.88
CA LEU B 185 21.07 -19.78 19.84
C LEU B 185 21.67 -18.49 19.27
N ALA B 186 21.02 -17.95 18.24
CA ALA B 186 21.47 -16.74 17.56
C ALA B 186 21.21 -15.47 18.39
N ARG B 187 22.18 -15.16 19.24
CA ARG B 187 22.16 -14.00 20.12
C ARG B 187 23.44 -13.22 19.84
N GLY B 188 23.99 -13.41 18.64
CA GLY B 188 25.22 -12.74 18.26
C GLY B 188 25.14 -11.30 17.77
N SER B 189 26.15 -10.89 17.01
CA SER B 189 26.24 -9.54 16.48
C SER B 189 26.14 -9.57 14.95
N TYR B 190 25.30 -8.71 14.38
CA TYR B 190 25.11 -8.69 12.93
C TYR B 190 25.53 -7.43 12.21
N ASN B 191 25.93 -7.61 10.95
CA ASN B 191 26.31 -6.50 10.08
C ASN B 191 25.06 -6.23 9.24
N ILE B 192 24.55 -5.01 9.33
CA ILE B 192 23.36 -4.69 8.57
C ILE B 192 23.62 -3.70 7.45
N LYS B 193 23.20 -4.06 6.26
CA LYS B 193 23.33 -3.18 5.11
C LYS B 193 21.92 -2.75 4.72
N SER B 194 21.74 -1.45 4.53
CA SER B 194 20.43 -0.89 4.20
C SER B 194 20.50 0.20 3.17
N ARG B 195 19.39 0.40 2.48
CA ARG B 195 19.28 1.43 1.45
C ARG B 195 17.81 1.78 1.18
N PHE B 196 17.60 3.00 0.70
CA PHE B 196 16.28 3.50 0.38
C PHE B 196 16.24 3.76 -1.11
N THR B 197 15.50 2.92 -1.82
CA THR B 197 15.37 3.05 -3.27
C THR B 197 13.89 3.30 -3.62
N ASP B 198 13.50 3.01 -4.86
CA ASP B 198 12.13 3.22 -5.30
C ASP B 198 11.86 2.56 -6.64
N ASP B 199 10.69 2.82 -7.21
CA ASP B 199 10.28 2.26 -8.49
C ASP B 199 11.15 2.68 -9.66
N ASP B 200 11.93 3.74 -9.47
CA ASP B 200 12.85 4.27 -10.49
C ASP B 200 14.29 3.82 -10.28
N ARG B 201 14.49 2.90 -9.33
CA ARG B 201 15.82 2.36 -8.99
C ARG B 201 16.79 3.37 -8.39
N THR B 202 16.31 4.59 -8.23
CA THR B 202 17.08 5.68 -7.64
C THR B 202 17.53 5.28 -6.25
N ASP B 203 18.81 5.45 -5.95
CA ASP B 203 19.27 5.11 -4.61
C ASP B 203 19.45 6.38 -3.82
N HIS B 204 18.45 6.64 -2.99
CA HIS B 204 18.43 7.82 -2.16
C HIS B 204 19.49 7.78 -1.09
N LEU B 205 19.65 6.61 -0.47
CA LEU B 205 20.63 6.46 0.60
C LEU B 205 21.04 5.00 0.73
N SER B 206 22.23 4.80 1.30
CA SER B 206 22.79 3.47 1.51
C SER B 206 23.85 3.55 2.61
N TRP B 207 23.76 2.66 3.58
CA TRP B 207 24.74 2.66 4.66
C TRP B 207 24.77 1.31 5.35
N GLU B 208 25.72 1.14 6.27
CA GLU B 208 25.86 -0.11 7.01
C GLU B 208 26.04 0.18 8.48
N TRP B 209 25.57 -0.74 9.30
CA TRP B 209 25.65 -0.61 10.74
C TRP B 209 25.61 -1.97 11.39
N ASN B 210 25.96 -2.02 12.66
CA ASN B 210 26.01 -3.27 13.38
C ASN B 210 25.01 -3.36 14.53
N LEU B 211 24.31 -4.48 14.60
CA LEU B 211 23.32 -4.71 15.65
C LEU B 211 23.73 -5.92 16.47
N THR B 212 23.31 -5.93 17.74
CA THR B 212 23.63 -7.02 18.65
C THR B 212 22.45 -7.46 19.51
N ILE B 213 22.16 -8.75 19.47
CA ILE B 213 21.09 -9.31 20.27
C ILE B 213 21.73 -9.74 21.60
N LYS B 214 20.95 -9.72 22.67
CA LYS B 214 21.40 -10.13 24.00
C LYS B 214 20.21 -10.70 24.76
N LYS B 215 20.47 -11.19 25.97
CA LYS B 215 19.42 -11.76 26.81
C LYS B 215 18.70 -10.71 27.64
N GLU B 216 19.38 -9.58 27.87
CA GLU B 216 18.83 -8.49 28.67
C GLU B 216 19.04 -7.13 28.03
N TRP B 217 18.20 -6.16 28.42
CA TRP B 217 18.28 -4.79 27.91
C TRP B 217 19.47 -4.10 28.56
N LYS B 218 20.45 -3.70 27.74
CA LYS B 218 21.65 -3.02 28.23
C LYS B 218 22.36 -3.84 29.31
N ASP B 219 22.81 -5.05 28.96
CA ASP B 219 23.51 -5.91 29.89
C ASP B 219 25.01 -5.63 29.85
MG MG C . -14.04 7.91 -11.54
MG MG D . -7.86 6.40 20.94
PB GDP E . -15.48 5.33 -13.55
O1B GDP E . -15.05 3.96 -13.14
O2B GDP E . -15.79 6.28 -12.56
O3B GDP E . -14.39 5.90 -14.64
O3A GDP E . -16.84 5.12 -14.28
PA GDP E . -18.32 5.82 -14.06
O1A GDP E . -18.87 5.52 -12.70
O2A GDP E . -18.12 7.29 -14.37
O5' GDP E . -19.12 4.99 -15.12
C5' GDP E . -19.00 5.20 -16.55
C4' GDP E . -20.27 5.21 -17.30
O4' GDP E . -21.16 4.09 -16.86
C3' GDP E . -21.20 6.46 -17.06
O3' GDP E . -21.79 6.80 -18.37
C2' GDP E . -22.34 6.04 -16.08
O2' GDP E . -23.60 6.72 -16.15
C1' GDP E . -22.52 4.53 -16.39
N9 GDP E . -22.87 3.71 -15.23
C8 GDP E . -22.05 3.85 -13.99
N7 GDP E . -22.81 2.89 -13.30
C5 GDP E . -23.83 2.26 -13.87
C6 GDP E . -24.84 1.30 -13.71
O6 GDP E . -24.91 0.70 -12.50
N1 GDP E . -25.73 0.96 -14.65
C2 GDP E . -25.64 1.65 -15.97
N2 GDP E . -26.59 1.19 -16.76
N3 GDP E . -24.74 2.52 -16.18
C4 GDP E . -23.88 2.82 -15.20
C1 GER F . 16.52 -16.65 12.05
C2 GER F . 17.06 -15.23 12.13
C3 GER F . 18.06 -14.88 12.97
C4 GER F . 18.62 -15.99 13.85
C5 GER F . 18.58 -13.43 13.01
C6 GER F . 18.18 -12.34 12.01
C7 GER F . 18.22 -10.96 12.63
C8 GER F . 17.26 -10.08 12.29
C9 GER F . 16.21 -10.60 11.30
C10 GER F . 17.35 -8.67 12.95
C11 GER F . 16.49 -7.48 12.51
C12 GER F . 17.01 -6.16 13.05
C13 GER F . 16.38 -4.98 12.79
C14 GER F . 15.14 -5.04 11.91
C15 GER F . 16.91 -3.67 13.36
C16 GER F . 16.02 -2.56 13.92
C17 GER F . 16.81 -1.58 14.76
C18 GER F . 16.72 -0.26 14.50
C19 GER F . 15.79 0.12 13.34
C20 GER F . 17.56 0.64 15.42
#